data_6QBC
#
_entry.id   6QBC
#
_cell.length_a   70.540
_cell.length_b   70.540
_cell.length_c   168.340
_cell.angle_alpha   90.00
_cell.angle_beta   90.00
_cell.angle_gamma   120.00
#
_symmetry.space_group_name_H-M   'P 31 2 1'
#
loop_
_entity.id
_entity.type
_entity.pdbx_description
1 polymer 'Anti-Mcl1 Fab Heavy Chain'
2 polymer 'Anti-Mcl1 Fab Light Chain'
3 water water
#
loop_
_entity_poly.entity_id
_entity_poly.type
_entity_poly.pdbx_seq_one_letter_code
_entity_poly.pdbx_strand_id
1 'polypeptide(L)'
;QVTLKESGGGLVKPGGSLRLSCAASGFTFSSYSMNWVRQAPGKGLEWVSSISSSSSYIYYADSVKGRFTISRDNAKNSLY
LQMNSLRAEDTAVYYCARQVGATWAFDIWGQGTLVTVSAAKTTPPSVYPLAPGSAAQTNSMVTLGCLVKGYFPEPVTVTW
NSGSLSSGVHTFPAVLQSDLYTLSSSVTVPSSPRPSETVTCNVAHPASSTKVDKKIVPRDCAAAENLYFQ
;
H
2 'polypeptide(L)'
;QSVLTQPPSASGTPGQRVTISCSGSSSNIGSNTVNWYQQLPGTAPKLLIYSNNQRPSGVPDRFSGSKSGTSASLAISGLQ
SEDEADYYCAAWDDSLNAWVFGGGTKLTVLGESEGQPKSSPSVTLFPPSSEELETNKATLVCTITDFYPGVVTVDWKVDG
TPVTQGMETTQPSKQSNNKYMASSYLTLTARAWERHSSYSCQVTHEGHTVEKSLSRADCS
;
L
#
# COMPACT_ATOMS: atom_id res chain seq x y z
N GLN A 1 -0.84 -31.29 4.02
CA GLN A 1 0.60 -31.01 4.03
C GLN A 1 1.12 -30.41 2.71
N VAL A 2 0.21 -29.79 1.92
CA VAL A 2 0.56 -29.11 0.66
C VAL A 2 1.03 -27.71 1.06
N THR A 3 2.34 -27.46 0.98
CA THR A 3 2.93 -26.19 1.41
C THR A 3 3.98 -25.62 0.44
N LEU A 4 4.17 -24.30 0.51
CA LEU A 4 5.19 -23.57 -0.22
C LEU A 4 5.91 -22.69 0.79
N LYS A 5 7.22 -22.61 0.68
CA LYS A 5 8.04 -21.84 1.63
C LYS A 5 9.13 -21.09 0.90
N GLU A 6 9.04 -19.76 0.93
CA GLU A 6 10.03 -18.92 0.26
C GLU A 6 11.17 -18.64 1.20
N SER A 7 12.35 -18.41 0.62
CA SER A 7 13.58 -18.09 1.33
C SER A 7 14.48 -17.25 0.40
N GLY A 8 15.45 -16.59 1.00
CA GLY A 8 16.45 -15.80 0.29
C GLY A 8 16.24 -14.30 0.31
N GLY A 9 15.22 -13.85 1.05
CA GLY A 9 14.90 -12.44 1.18
C GLY A 9 15.94 -11.76 2.06
N GLY A 10 15.98 -10.44 2.01
CA GLY A 10 16.92 -9.68 2.82
C GLY A 10 17.17 -8.30 2.26
N LEU A 11 18.25 -7.67 2.74
CA LEU A 11 18.62 -6.33 2.33
C LEU A 11 19.65 -6.37 1.20
N VAL A 12 19.42 -5.56 0.18
CA VAL A 12 20.25 -5.44 -1.01
C VAL A 12 20.32 -3.97 -1.45
N LYS A 13 21.49 -3.51 -1.96
CA LYS A 13 21.63 -2.12 -2.40
C LYS A 13 21.04 -1.88 -3.79
N PRO A 14 20.56 -0.65 -4.16
CA PRO A 14 20.10 -0.43 -5.55
C PRO A 14 21.20 -0.79 -6.52
N GLY A 15 20.81 -1.37 -7.65
CA GLY A 15 21.73 -1.86 -8.66
C GLY A 15 22.18 -3.29 -8.39
N GLY A 16 22.05 -3.73 -7.14
CA GLY A 16 22.42 -5.08 -6.71
C GLY A 16 21.51 -6.19 -7.21
N SER A 17 21.81 -7.44 -6.80
CA SER A 17 21.08 -8.64 -7.22
C SER A 17 20.76 -9.59 -6.08
N LEU A 18 19.69 -10.40 -6.23
CA LEU A 18 19.27 -11.36 -5.21
C LEU A 18 18.55 -12.51 -5.89
N ARG A 19 18.68 -13.70 -5.32
CA ARG A 19 18.02 -14.89 -5.84
C ARG A 19 17.08 -15.44 -4.77
N LEU A 20 15.77 -15.53 -5.10
CA LEU A 20 14.79 -16.10 -4.19
C LEU A 20 14.58 -17.53 -4.55
N SER A 21 14.17 -18.34 -3.55
CA SER A 21 13.85 -19.74 -3.71
C SER A 21 12.51 -20.01 -3.05
N CYS A 22 11.79 -21.02 -3.54
CA CYS A 22 10.53 -21.44 -2.98
C CYS A 22 10.58 -22.96 -2.96
N ALA A 23 10.42 -23.56 -1.78
CA ALA A 23 10.44 -25.01 -1.65
C ALA A 23 9.01 -25.53 -1.54
N ALA A 24 8.71 -26.50 -2.40
CA ALA A 24 7.40 -27.14 -2.48
C ALA A 24 7.39 -28.46 -1.73
N SER A 25 6.30 -28.74 -1.00
CA SER A 25 6.14 -29.99 -0.23
C SER A 25 4.70 -30.47 -0.28
N GLY A 26 4.54 -31.81 -0.25
CA GLY A 26 3.25 -32.48 -0.19
C GLY A 26 2.43 -32.56 -1.46
N PHE A 27 3.08 -32.39 -2.62
CA PHE A 27 2.45 -32.46 -3.93
C PHE A 27 3.48 -32.69 -5.04
N THR A 28 3.02 -33.13 -6.21
CA THR A 28 3.90 -33.36 -7.36
C THR A 28 4.19 -32.01 -7.99
N PHE A 29 5.35 -31.43 -7.63
CA PHE A 29 5.78 -30.11 -8.09
C PHE A 29 5.83 -29.99 -9.61
N SER A 30 6.36 -31.01 -10.31
CA SER A 30 6.47 -31.04 -11.77
C SER A 30 5.13 -31.01 -12.54
N SER A 31 4.00 -31.19 -11.84
CA SER A 31 2.66 -31.20 -12.47
C SER A 31 1.97 -29.82 -12.45
N TYR A 32 2.69 -28.77 -12.00
CA TYR A 32 2.04 -27.44 -11.86
C TYR A 32 2.83 -26.28 -12.37
N SER A 33 2.09 -25.29 -12.94
CA SER A 33 2.66 -24.00 -13.32
C SER A 33 2.86 -23.27 -11.96
N MET A 34 3.89 -22.43 -11.85
CA MET A 34 4.23 -21.73 -10.58
C MET A 34 4.36 -20.25 -10.84
N ASN A 35 4.06 -19.41 -9.82
CA ASN A 35 4.09 -17.97 -10.03
C ASN A 35 4.82 -17.27 -8.89
N TRP A 36 5.31 -16.06 -9.18
CA TRP A 36 5.81 -15.14 -8.17
C TRP A 36 4.87 -13.94 -8.23
N VAL A 37 4.44 -13.45 -7.06
CA VAL A 37 3.58 -12.28 -6.91
C VAL A 37 4.20 -11.45 -5.78
N ARG A 38 4.20 -10.14 -5.92
CA ARG A 38 4.82 -9.32 -4.88
C ARG A 38 3.88 -8.25 -4.36
N GLN A 39 4.22 -7.68 -3.18
CA GLN A 39 3.36 -6.65 -2.61
C GLN A 39 4.30 -5.67 -1.89
N ALA A 40 4.33 -4.44 -2.38
CA ALA A 40 5.14 -3.36 -1.76
C ALA A 40 4.42 -2.94 -0.44
N PRO A 41 5.17 -2.39 0.55
CA PRO A 41 4.53 -2.06 1.84
C PRO A 41 3.30 -1.16 1.74
N GLY A 42 2.16 -1.68 2.22
CA GLY A 42 0.87 -1.00 2.21
C GLY A 42 0.21 -0.85 0.85
N LYS A 43 0.75 -1.55 -0.18
CA LYS A 43 0.24 -1.44 -1.54
C LYS A 43 -0.49 -2.71 -1.96
N GLY A 44 -0.90 -2.73 -3.23
CA GLY A 44 -1.62 -3.88 -3.77
C GLY A 44 -0.73 -4.99 -4.25
N LEU A 45 -1.36 -6.10 -4.61
CA LEU A 45 -0.63 -7.26 -5.15
C LEU A 45 -0.24 -6.95 -6.59
N GLU A 46 0.95 -7.39 -6.98
CA GLU A 46 1.48 -7.18 -8.31
C GLU A 46 2.09 -8.48 -8.79
N TRP A 47 1.47 -9.09 -9.82
CA TRP A 47 2.01 -10.33 -10.39
C TRP A 47 3.38 -10.05 -11.00
N VAL A 48 4.34 -10.96 -10.79
CA VAL A 48 5.71 -10.79 -11.28
C VAL A 48 6.09 -11.68 -12.46
N SER A 49 5.95 -12.99 -12.31
CA SER A 49 6.39 -13.95 -13.34
C SER A 49 5.73 -15.30 -13.14
N SER A 50 5.70 -16.12 -14.20
CA SER A 50 5.12 -17.46 -14.11
C SER A 50 5.94 -18.43 -14.96
N ILE A 51 5.94 -19.71 -14.57
CA ILE A 51 6.70 -20.75 -15.30
C ILE A 51 5.83 -21.99 -15.45
N SER A 52 5.80 -22.60 -16.67
CA SER A 52 5.01 -23.80 -16.90
C SER A 52 5.69 -25.01 -16.22
N SER A 53 4.96 -26.15 -16.14
CA SER A 53 5.41 -27.40 -15.51
C SER A 53 6.82 -27.84 -15.92
N SER A 54 7.15 -27.72 -17.22
CA SER A 54 8.43 -28.11 -17.81
C SER A 54 9.27 -26.95 -18.36
N SER A 55 8.98 -25.69 -17.88
CA SER A 55 9.71 -24.46 -18.24
C SER A 55 9.61 -24.03 -19.72
N SER A 56 8.69 -24.63 -20.49
CA SER A 56 8.52 -24.33 -21.91
C SER A 56 7.89 -22.95 -22.14
N TYR A 57 7.05 -22.49 -21.19
CA TYR A 57 6.37 -21.20 -21.29
C TYR A 57 6.62 -20.33 -20.07
N ILE A 58 7.31 -19.20 -20.30
CA ILE A 58 7.74 -18.25 -19.27
C ILE A 58 7.16 -16.85 -19.58
N TYR A 59 6.53 -16.21 -18.55
CA TYR A 59 5.97 -14.87 -18.71
C TYR A 59 6.46 -13.93 -17.62
N TYR A 60 6.61 -12.65 -17.96
CA TYR A 60 7.04 -11.58 -17.04
C TYR A 60 6.15 -10.39 -17.13
N ALA A 61 6.00 -9.68 -15.98
CA ALA A 61 5.31 -8.40 -15.97
C ALA A 61 6.24 -7.42 -16.65
N ASP A 62 5.68 -6.41 -17.36
CA ASP A 62 6.50 -5.41 -18.03
C ASP A 62 7.44 -4.68 -17.07
N SER A 63 7.00 -4.46 -15.81
CA SER A 63 7.77 -3.77 -14.79
C SER A 63 9.10 -4.47 -14.43
N VAL A 64 9.24 -5.78 -14.72
CA VAL A 64 10.46 -6.56 -14.37
C VAL A 64 11.20 -7.16 -15.59
N LYS A 65 10.68 -6.92 -16.81
CA LYS A 65 11.23 -7.46 -18.06
C LYS A 65 12.69 -7.07 -18.25
N GLY A 66 13.50 -8.07 -18.55
CA GLY A 66 14.93 -7.88 -18.80
C GLY A 66 15.79 -7.79 -17.55
N ARG A 67 15.18 -7.85 -16.35
CA ARG A 67 15.90 -7.78 -15.08
C ARG A 67 15.68 -9.05 -14.26
N PHE A 68 14.47 -9.64 -14.36
CA PHE A 68 14.17 -10.83 -13.56
C PHE A 68 14.17 -12.07 -14.43
N THR A 69 14.59 -13.20 -13.85
CA THR A 69 14.57 -14.51 -14.53
C THR A 69 13.95 -15.53 -13.61
N ILE A 70 12.89 -16.19 -14.09
CA ILE A 70 12.23 -17.29 -13.38
C ILE A 70 12.81 -18.62 -13.87
N SER A 71 13.01 -19.56 -12.94
CA SER A 71 13.50 -20.90 -13.25
C SER A 71 12.93 -21.89 -12.25
N ARG A 72 13.08 -23.19 -12.53
CA ARG A 72 12.63 -24.21 -11.60
C ARG A 72 13.52 -25.45 -11.70
N ASP A 73 13.62 -26.19 -10.60
CA ASP A 73 14.36 -27.45 -10.52
C ASP A 73 13.37 -28.48 -10.00
N ASN A 74 12.70 -29.20 -10.92
CA ASN A 74 11.66 -30.19 -10.61
C ASN A 74 12.15 -31.34 -9.72
N ALA A 75 13.43 -31.73 -9.84
CA ALA A 75 14.04 -32.78 -9.02
C ALA A 75 14.24 -32.31 -7.59
N LYS A 76 14.54 -31.00 -7.42
CA LYS A 76 14.78 -30.37 -6.12
C LYS A 76 13.51 -29.72 -5.53
N ASN A 77 12.33 -29.90 -6.20
CA ASN A 77 11.01 -29.36 -5.81
C ASN A 77 11.13 -27.85 -5.48
N SER A 78 11.89 -27.12 -6.31
CA SER A 78 12.18 -25.71 -6.06
C SER A 78 11.94 -24.77 -7.22
N LEU A 79 11.40 -23.59 -6.90
CA LEU A 79 11.15 -22.49 -7.82
C LEU A 79 12.14 -21.38 -7.46
N TYR A 80 12.65 -20.63 -8.46
CA TYR A 80 13.60 -19.54 -8.22
C TYR A 80 13.20 -18.26 -8.93
N LEU A 81 13.69 -17.13 -8.41
CA LEU A 81 13.55 -15.83 -9.06
C LEU A 81 14.88 -15.12 -8.88
N GLN A 82 15.58 -14.89 -10.00
CA GLN A 82 16.84 -14.18 -10.05
C GLN A 82 16.52 -12.73 -10.36
N MET A 83 16.84 -11.83 -9.43
CA MET A 83 16.48 -10.41 -9.59
C MET A 83 17.72 -9.58 -9.75
N ASN A 84 17.91 -8.99 -10.95
CA ASN A 84 19.05 -8.14 -11.23
C ASN A 84 18.65 -6.70 -11.36
N SER A 85 19.65 -5.78 -11.29
CA SER A 85 19.46 -4.33 -11.41
C SER A 85 18.28 -3.87 -10.53
N LEU A 86 18.29 -4.31 -9.26
CA LEU A 86 17.25 -3.99 -8.29
C LEU A 86 17.12 -2.50 -8.01
N ARG A 87 15.87 -2.02 -7.88
CA ARG A 87 15.55 -0.61 -7.68
C ARG A 87 14.73 -0.48 -6.44
N ALA A 88 14.67 0.71 -5.84
CA ALA A 88 13.88 0.96 -4.62
C ALA A 88 12.44 0.47 -4.80
N GLU A 89 11.85 0.63 -6.00
CA GLU A 89 10.48 0.21 -6.31
C GLU A 89 10.27 -1.31 -6.31
N ASP A 90 11.36 -2.11 -6.26
CA ASP A 90 11.26 -3.57 -6.14
C ASP A 90 11.12 -4.06 -4.70
N THR A 91 11.24 -3.16 -3.71
CA THR A 91 11.07 -3.54 -2.30
C THR A 91 9.64 -4.07 -2.14
N ALA A 92 9.53 -5.30 -1.61
CA ALA A 92 8.22 -5.93 -1.42
C ALA A 92 8.34 -7.26 -0.73
N VAL A 93 7.20 -7.80 -0.29
CA VAL A 93 7.13 -9.18 0.18
C VAL A 93 6.88 -9.95 -1.11
N TYR A 94 7.71 -10.96 -1.38
CA TYR A 94 7.55 -11.82 -2.55
C TYR A 94 6.95 -13.15 -2.15
N TYR A 95 5.88 -13.53 -2.85
CA TYR A 95 5.19 -14.78 -2.59
C TYR A 95 5.33 -15.72 -3.77
N CYS A 96 5.47 -17.02 -3.49
CA CYS A 96 5.37 -17.99 -4.58
C CYS A 96 3.96 -18.60 -4.48
N ALA A 97 3.35 -18.92 -5.63
CA ALA A 97 2.01 -19.46 -5.63
C ALA A 97 1.86 -20.54 -6.68
N ARG A 98 1.11 -21.59 -6.33
CA ARG A 98 0.84 -22.72 -7.23
C ARG A 98 -0.40 -22.40 -8.05
N GLN A 99 -0.32 -22.66 -9.35
CA GLN A 99 -1.42 -22.41 -10.27
C GLN A 99 -2.13 -23.72 -10.67
N VAL A 100 -3.46 -23.76 -10.55
CA VAL A 100 -4.29 -24.93 -10.92
C VAL A 100 -4.37 -25.00 -12.44
N GLY A 101 -4.22 -26.21 -12.98
CA GLY A 101 -4.31 -26.45 -14.42
C GLY A 101 -5.62 -26.00 -15.04
N ALA A 102 -6.73 -26.62 -14.64
CA ALA A 102 -8.05 -26.34 -15.23
C ALA A 102 -8.55 -24.90 -15.08
N THR A 103 -8.32 -24.29 -13.89
CA THR A 103 -8.91 -23.00 -13.56
C THR A 103 -8.00 -21.76 -13.60
N TRP A 104 -6.65 -21.95 -13.57
CA TRP A 104 -5.58 -20.94 -13.56
C TRP A 104 -5.52 -20.20 -12.22
N ALA A 105 -6.26 -20.68 -11.23
CA ALA A 105 -6.28 -20.03 -9.93
C ALA A 105 -5.03 -20.34 -9.11
N PHE A 106 -4.58 -19.36 -8.30
CA PHE A 106 -3.42 -19.55 -7.42
C PHE A 106 -3.95 -20.12 -6.10
N ASP A 107 -4.02 -21.48 -5.99
CA ASP A 107 -4.69 -22.08 -4.86
C ASP A 107 -3.87 -22.24 -3.56
N ILE A 108 -2.55 -22.30 -3.68
CA ILE A 108 -1.65 -22.42 -2.53
C ILE A 108 -0.64 -21.28 -2.64
N TRP A 109 -0.42 -20.53 -1.54
CA TRP A 109 0.59 -19.46 -1.50
C TRP A 109 1.55 -19.74 -0.34
N GLY A 110 2.79 -19.32 -0.52
CA GLY A 110 3.78 -19.38 0.55
C GLY A 110 3.55 -18.27 1.56
N GLN A 111 4.37 -18.21 2.62
CA GLN A 111 4.21 -17.19 3.66
C GLN A 111 4.77 -15.83 3.24
N GLY A 112 5.66 -15.85 2.26
CA GLY A 112 6.29 -14.68 1.72
C GLY A 112 7.66 -14.42 2.32
N THR A 113 8.51 -13.75 1.54
CA THR A 113 9.85 -13.33 1.98
C THR A 113 10.06 -11.86 1.62
N LEU A 114 10.56 -11.09 2.58
CA LEU A 114 10.75 -9.66 2.35
C LEU A 114 12.07 -9.35 1.68
N VAL A 115 12.01 -8.54 0.62
CA VAL A 115 13.17 -8.03 -0.10
C VAL A 115 13.15 -6.52 0.08
N THR A 116 14.23 -5.96 0.67
CA THR A 116 14.33 -4.51 0.88
C THR A 116 15.49 -4.00 0.02
N VAL A 117 15.22 -3.07 -0.91
CA VAL A 117 16.22 -2.51 -1.83
C VAL A 117 16.54 -1.11 -1.34
N SER A 118 17.70 -0.94 -0.65
CA SER A 118 18.05 0.36 -0.05
C SER A 118 19.56 0.47 0.18
N ALA A 119 20.12 1.65 -0.09
CA ALA A 119 21.53 2.00 0.15
C ALA A 119 21.54 3.05 1.25
N ALA A 120 20.40 3.20 1.96
CA ALA A 120 20.29 4.20 3.03
C ALA A 120 21.18 3.87 4.21
N LYS A 121 21.84 4.89 4.69
CA LYS A 121 22.72 4.79 5.84
C LYS A 121 22.11 5.68 6.89
N THR A 122 22.54 5.50 8.14
CA THR A 122 22.02 6.26 9.30
C THR A 122 22.09 7.75 8.99
N THR A 123 20.94 8.42 9.11
CA THR A 123 20.86 9.84 8.80
C THR A 123 19.95 10.51 9.83
N PRO A 124 20.39 11.62 10.46
CA PRO A 124 19.50 12.31 11.40
C PRO A 124 18.42 13.09 10.64
N PRO A 125 17.28 13.32 11.31
CA PRO A 125 16.21 14.09 10.68
C PRO A 125 16.49 15.58 10.65
N SER A 126 15.88 16.26 9.66
CA SER A 126 15.80 17.71 9.66
C SER A 126 14.39 17.97 10.18
N VAL A 127 14.20 18.96 11.03
CA VAL A 127 12.90 19.26 11.63
C VAL A 127 12.46 20.64 11.18
N TYR A 128 11.27 20.72 10.55
CA TYR A 128 10.72 21.98 10.04
C TYR A 128 9.36 22.26 10.65
N PRO A 129 8.99 23.55 10.73
CA PRO A 129 7.68 23.87 11.34
C PRO A 129 6.54 23.69 10.37
N LEU A 130 5.37 23.30 10.90
CA LEU A 130 4.13 23.23 10.14
C LEU A 130 3.22 24.29 10.78
N ALA A 131 2.87 25.31 10.01
CA ALA A 131 2.02 26.39 10.52
C ALA A 131 1.19 26.92 9.36
N PRO A 132 -0.11 27.24 9.59
CA PRO A 132 -0.97 27.76 8.49
C PRO A 132 -0.42 29.00 7.78
N ASN A 139 -9.68 30.04 11.79
CA ASN A 139 -8.99 30.41 13.03
C ASN A 139 -9.71 29.94 14.32
N SER A 140 -10.78 29.11 14.19
CA SER A 140 -11.54 28.57 15.34
C SER A 140 -10.67 27.80 16.32
N MET A 141 -9.70 27.05 15.79
CA MET A 141 -8.70 26.31 16.55
C MET A 141 -7.43 26.29 15.74
N VAL A 142 -6.29 26.58 16.40
CA VAL A 142 -5.00 26.64 15.72
C VAL A 142 -4.30 25.27 15.76
N THR A 143 -3.83 24.83 14.58
CA THR A 143 -3.10 23.58 14.44
C THR A 143 -1.68 23.90 13.98
N LEU A 144 -0.69 23.50 14.80
CA LEU A 144 0.72 23.71 14.51
C LEU A 144 1.31 22.30 14.42
N GLY A 145 2.49 22.19 13.84
CA GLY A 145 3.11 20.88 13.76
C GLY A 145 4.60 20.90 13.52
N CYS A 146 5.20 19.72 13.38
CA CYS A 146 6.61 19.54 13.06
C CYS A 146 6.73 18.47 11.97
N LEU A 147 7.47 18.80 10.95
CA LEU A 147 7.76 17.88 9.85
C LEU A 147 9.17 17.31 10.14
N VAL A 148 9.24 16.00 10.38
CA VAL A 148 10.52 15.33 10.74
C VAL A 148 10.97 14.62 9.46
N LYS A 149 11.86 15.29 8.69
CA LYS A 149 12.20 14.89 7.36
C LYS A 149 13.54 14.23 7.17
N GLY A 150 13.53 13.18 6.38
CA GLY A 150 14.71 12.51 5.85
C GLY A 150 15.63 11.84 6.84
N TYR A 151 15.09 10.96 7.67
CA TYR A 151 15.89 10.20 8.64
C TYR A 151 15.95 8.74 8.30
N PHE A 152 16.95 8.07 8.90
CA PHE A 152 17.06 6.63 8.71
C PHE A 152 17.92 6.08 9.82
N PRO A 153 17.62 4.89 10.40
CA PRO A 153 16.41 4.06 10.20
C PRO A 153 15.29 4.59 11.10
N GLU A 154 14.14 3.89 11.09
CA GLU A 154 13.09 4.20 12.06
C GLU A 154 13.55 3.62 13.42
N PRO A 155 13.00 4.07 14.53
CA PRO A 155 12.00 5.13 14.65
C PRO A 155 12.54 6.50 15.06
N VAL A 156 11.63 7.46 15.10
CA VAL A 156 11.80 8.70 15.81
C VAL A 156 10.69 8.74 16.86
N THR A 157 10.93 9.43 17.96
CA THR A 157 9.92 9.67 18.97
C THR A 157 9.59 11.14 18.91
N VAL A 158 8.31 11.50 18.96
CA VAL A 158 7.91 12.89 18.96
C VAL A 158 6.99 13.17 20.16
N THR A 159 7.27 14.25 20.90
CA THR A 159 6.40 14.76 21.98
C THR A 159 6.26 16.28 21.84
N TRP A 160 5.37 16.88 22.63
CA TRP A 160 5.16 18.33 22.65
C TRP A 160 5.32 18.81 24.06
N ASN A 161 6.10 19.88 24.26
CA ASN A 161 6.34 20.47 25.58
C ASN A 161 6.84 19.41 26.59
N SER A 162 7.77 18.55 26.13
CA SER A 162 8.39 17.47 26.92
C SER A 162 7.36 16.50 27.54
N GLY A 163 6.35 16.13 26.74
CA GLY A 163 5.28 15.23 27.13
C GLY A 163 4.13 15.85 27.90
N SER A 164 4.24 17.12 28.29
CA SER A 164 3.20 17.83 29.05
C SER A 164 1.97 18.18 28.21
N LEU A 165 2.15 18.31 26.88
CA LEU A 165 1.08 18.60 25.95
C LEU A 165 0.74 17.30 25.22
N SER A 166 -0.32 16.62 25.66
CA SER A 166 -0.72 15.34 25.07
C SER A 166 -2.09 15.39 24.42
N SER A 167 -2.98 16.26 24.93
CA SER A 167 -4.32 16.43 24.37
C SER A 167 -4.25 17.19 23.04
N GLY A 168 -4.98 16.69 22.03
CA GLY A 168 -5.03 17.26 20.69
C GLY A 168 -3.81 16.99 19.83
N VAL A 169 -2.95 16.06 20.24
CA VAL A 169 -1.77 15.78 19.40
C VAL A 169 -2.02 14.54 18.54
N HIS A 170 -1.51 14.59 17.29
CA HIS A 170 -1.57 13.48 16.36
C HIS A 170 -0.17 13.32 15.81
N THR A 171 0.44 12.16 16.07
CA THR A 171 1.76 11.85 15.53
C THR A 171 1.52 10.76 14.54
N PHE A 172 1.80 11.06 13.29
CA PHE A 172 1.47 10.22 12.16
C PHE A 172 2.50 9.16 11.85
N PRO A 173 2.13 8.06 11.17
CA PRO A 173 3.16 7.08 10.79
C PRO A 173 4.11 7.66 9.72
N ALA A 174 5.31 7.06 9.58
CA ALA A 174 6.26 7.54 8.59
C ALA A 174 5.96 7.02 7.17
N VAL A 175 6.43 7.77 6.17
CA VAL A 175 6.43 7.45 4.74
C VAL A 175 7.90 7.32 4.33
N LEU A 176 8.18 6.51 3.31
CA LEU A 176 9.49 6.39 2.71
C LEU A 176 9.38 7.35 1.55
N GLN A 177 10.21 8.39 1.57
CA GLN A 177 10.24 9.50 0.61
C GLN A 177 11.69 9.50 0.17
N SER A 178 11.92 8.94 -1.05
CA SER A 178 13.20 8.64 -1.69
C SER A 178 13.68 7.32 -1.06
N ASP A 179 14.74 7.35 -0.24
CA ASP A 179 15.29 6.21 0.47
C ASP A 179 15.33 6.55 1.97
N LEU A 180 14.66 7.64 2.38
CA LEU A 180 14.67 8.09 3.77
C LEU A 180 13.25 8.21 4.30
N TYR A 181 13.09 8.20 5.63
CA TYR A 181 11.77 8.35 6.23
C TYR A 181 11.39 9.78 6.49
N THR A 182 10.07 10.05 6.41
CA THR A 182 9.51 11.35 6.78
C THR A 182 8.26 11.10 7.60
N LEU A 183 8.10 11.82 8.71
CA LEU A 183 6.95 11.70 9.59
C LEU A 183 6.49 13.14 9.97
N SER A 184 5.23 13.32 10.38
CA SER A 184 4.73 14.60 10.89
C SER A 184 4.01 14.39 12.19
N SER A 185 3.97 15.45 13.00
CA SER A 185 3.21 15.47 14.24
C SER A 185 2.56 16.83 14.33
N SER A 186 1.31 16.87 14.77
CA SER A 186 0.59 18.12 14.91
C SER A 186 -0.10 18.22 16.25
N VAL A 187 -0.37 19.46 16.67
CA VAL A 187 -1.05 19.70 17.93
C VAL A 187 -2.09 20.80 17.72
N THR A 188 -3.34 20.52 18.12
CA THR A 188 -4.44 21.49 18.00
C THR A 188 -4.60 22.12 19.38
N VAL A 189 -4.28 23.42 19.48
CA VAL A 189 -4.37 24.19 20.73
C VAL A 189 -5.29 25.43 20.61
N THR A 198 5.07 29.29 22.32
CA THR A 198 4.97 28.58 23.60
C THR A 198 4.77 27.05 23.41
N VAL A 199 4.77 26.59 22.15
CA VAL A 199 4.59 25.18 21.81
C VAL A 199 5.91 24.65 21.17
N THR A 200 6.50 23.62 21.79
CA THR A 200 7.78 23.02 21.35
C THR A 200 7.59 21.57 20.96
N CYS A 201 8.06 21.19 19.76
CA CYS A 201 8.06 19.76 19.46
C CYS A 201 9.44 19.19 19.81
N ASN A 202 9.43 18.02 20.45
CA ASN A 202 10.66 17.36 20.90
C ASN A 202 10.80 16.10 20.09
N VAL A 203 11.86 16.00 19.29
CA VAL A 203 12.09 14.90 18.40
C VAL A 203 13.33 14.16 18.84
N ALA A 204 13.25 12.85 18.92
CA ALA A 204 14.43 12.05 19.27
C ALA A 204 14.62 10.99 18.22
N HIS A 205 15.86 10.87 17.74
CA HIS A 205 16.22 9.86 16.76
C HIS A 205 17.39 9.10 17.39
N PRO A 206 17.09 8.04 18.18
CA PRO A 206 18.18 7.33 18.87
C PRO A 206 19.27 6.74 17.98
N ALA A 207 18.92 6.25 16.81
CA ALA A 207 19.93 5.62 15.94
C ALA A 207 21.08 6.57 15.53
N SER A 208 20.80 7.89 15.44
CA SER A 208 21.86 8.86 15.08
C SER A 208 22.30 9.65 16.32
N SER A 209 21.85 9.25 17.51
CA SER A 209 22.10 9.92 18.80
C SER A 209 21.80 11.43 18.72
N THR A 210 20.60 11.75 18.16
CA THR A 210 20.19 13.13 17.95
C THR A 210 18.89 13.41 18.66
N LYS A 211 18.79 14.59 19.25
CA LYS A 211 17.55 15.12 19.80
C LYS A 211 17.38 16.53 19.29
N VAL A 212 16.15 16.91 18.91
CA VAL A 212 15.86 18.26 18.48
C VAL A 212 14.64 18.78 19.25
N ASP A 213 14.71 20.03 19.73
CA ASP A 213 13.58 20.73 20.36
C ASP A 213 13.31 21.92 19.46
N LYS A 214 12.11 21.99 18.87
CA LYS A 214 11.86 23.09 17.95
C LYS A 214 10.64 23.91 18.39
N LYS A 215 10.84 25.23 18.64
CA LYS A 215 9.72 26.11 19.00
C LYS A 215 8.90 26.43 17.74
N ILE A 216 7.56 26.25 17.79
CA ILE A 216 6.72 26.47 16.62
C ILE A 216 5.85 27.70 16.87
N VAL A 217 5.92 28.68 15.97
CA VAL A 217 5.13 29.92 16.07
C VAL A 217 4.30 30.17 14.78
N PRO A 218 3.04 30.68 14.90
CA PRO A 218 2.26 30.95 13.69
C PRO A 218 2.68 32.26 12.99
N VAL B 3 -4.13 -1.62 -14.11
CA VAL B 3 -4.76 -2.54 -13.16
C VAL B 3 -6.31 -2.66 -13.45
N LEU B 4 -7.00 -3.52 -12.70
CA LEU B 4 -8.45 -3.68 -12.70
C LEU B 4 -8.89 -2.71 -11.65
N THR B 5 -10.00 -2.04 -11.85
CA THR B 5 -10.44 -1.00 -10.92
C THR B 5 -11.40 -1.54 -9.90
N GLN B 6 -11.05 -1.35 -8.62
CA GLN B 6 -11.88 -1.75 -7.51
C GLN B 6 -12.16 -0.54 -6.60
N PRO B 7 -13.29 -0.51 -5.87
CA PRO B 7 -13.50 0.61 -4.95
C PRO B 7 -12.48 0.46 -3.79
N PRO B 8 -11.86 1.54 -3.30
CA PRO B 8 -10.91 1.35 -2.18
C PRO B 8 -11.54 0.74 -0.93
N SER B 9 -12.82 1.02 -0.67
CA SER B 9 -13.48 0.60 0.53
C SER B 9 -14.87 0.07 0.27
N ALA B 10 -15.26 -0.94 1.04
CA ALA B 10 -16.63 -1.47 1.08
C ALA B 10 -16.90 -1.71 2.55
N SER B 11 -18.15 -1.48 2.98
CA SER B 11 -18.50 -1.64 4.38
C SER B 11 -19.96 -1.97 4.61
N GLY B 12 -20.22 -2.57 5.75
CA GLY B 12 -21.58 -2.84 6.19
C GLY B 12 -21.60 -3.25 7.64
N THR B 13 -22.79 -3.29 8.22
CA THR B 13 -22.91 -3.73 9.62
C THR B 13 -22.99 -5.26 9.62
N PRO B 14 -22.66 -5.98 10.72
CA PRO B 14 -22.81 -7.46 10.69
C PRO B 14 -24.21 -7.91 10.24
N GLY B 15 -24.25 -8.98 9.45
CA GLY B 15 -25.47 -9.56 8.89
C GLY B 15 -25.91 -8.98 7.56
N GLN B 16 -25.35 -7.82 7.15
CA GLN B 16 -25.69 -7.14 5.90
C GLN B 16 -25.05 -7.82 4.68
N ARG B 17 -25.53 -7.46 3.48
CA ARG B 17 -24.99 -7.93 2.21
C ARG B 17 -24.25 -6.78 1.55
N VAL B 18 -22.98 -7.02 1.20
CA VAL B 18 -22.09 -6.03 0.60
C VAL B 18 -21.50 -6.61 -0.67
N THR B 19 -21.40 -5.77 -1.71
CA THR B 19 -20.80 -6.16 -2.99
C THR B 19 -19.56 -5.31 -3.24
N ILE B 20 -18.61 -5.93 -3.93
CA ILE B 20 -17.32 -5.35 -4.35
C ILE B 20 -17.20 -5.53 -5.87
N SER B 21 -17.15 -4.40 -6.59
CA SER B 21 -17.01 -4.41 -8.05
C SER B 21 -15.55 -4.51 -8.47
N CYS B 22 -15.33 -5.00 -9.69
CA CYS B 22 -14.03 -5.17 -10.33
C CYS B 22 -14.23 -4.85 -11.82
N SER B 23 -13.76 -3.71 -12.26
CA SER B 23 -13.92 -3.28 -13.65
C SER B 23 -12.62 -3.39 -14.46
N GLY B 24 -12.66 -4.14 -15.56
CA GLY B 24 -11.51 -4.34 -16.41
C GLY B 24 -11.75 -3.86 -17.83
N SER B 25 -11.10 -4.54 -18.76
CA SER B 25 -11.20 -4.21 -20.20
C SER B 25 -11.36 -5.50 -21.00
N SER B 26 -11.57 -5.34 -22.31
CA SER B 26 -11.78 -6.48 -23.20
C SER B 26 -10.70 -7.56 -23.19
N SER B 27 -9.43 -7.15 -23.06
CA SER B 27 -8.27 -8.04 -23.10
C SER B 27 -8.12 -8.91 -21.84
N ASN B 28 -8.73 -8.51 -20.71
CA ASN B 28 -8.61 -9.31 -19.50
C ASN B 28 -9.95 -9.90 -19.13
N ILE B 29 -10.79 -9.21 -18.33
CA ILE B 29 -12.12 -9.68 -17.89
C ILE B 29 -13.00 -10.00 -19.13
N GLY B 30 -12.95 -9.15 -20.16
CA GLY B 30 -13.73 -9.41 -21.38
C GLY B 30 -13.42 -10.73 -22.07
N SER B 31 -12.19 -11.28 -21.88
CA SER B 31 -11.71 -12.52 -22.54
C SER B 31 -11.36 -13.69 -21.64
N ASN B 32 -11.40 -13.51 -20.31
CA ASN B 32 -10.95 -14.56 -19.39
C ASN B 32 -11.73 -14.58 -18.11
N THR B 33 -11.58 -15.66 -17.31
CA THR B 33 -12.27 -15.80 -16.04
C THR B 33 -11.58 -14.91 -14.99
N VAL B 34 -12.32 -14.61 -13.94
CA VAL B 34 -11.84 -13.75 -12.85
C VAL B 34 -11.71 -14.63 -11.62
N ASN B 35 -10.62 -14.40 -10.88
CA ASN B 35 -10.37 -15.09 -9.63
C ASN B 35 -10.34 -14.03 -8.54
N TRP B 36 -10.75 -14.41 -7.32
CA TRP B 36 -10.71 -13.45 -6.20
C TRP B 36 -9.85 -14.02 -5.10
N TYR B 37 -9.10 -13.12 -4.43
CA TYR B 37 -8.21 -13.46 -3.29
C TYR B 37 -8.55 -12.62 -2.09
N GLN B 38 -8.55 -13.27 -0.94
CA GLN B 38 -8.81 -12.60 0.34
C GLN B 38 -7.45 -12.49 1.02
N GLN B 39 -7.13 -11.31 1.55
CA GLN B 39 -5.88 -11.14 2.29
C GLN B 39 -6.18 -10.52 3.65
N LEU B 40 -6.04 -11.33 4.70
CA LEU B 40 -6.24 -10.81 6.05
C LEU B 40 -4.99 -9.99 6.37
N PRO B 41 -5.14 -8.95 7.22
CA PRO B 41 -3.98 -8.09 7.55
C PRO B 41 -2.72 -8.83 7.98
N GLY B 42 -1.60 -8.54 7.33
CA GLY B 42 -0.28 -9.11 7.57
C GLY B 42 -0.09 -10.55 7.23
N THR B 43 -1.02 -11.14 6.44
CA THR B 43 -0.93 -12.55 6.07
C THR B 43 -0.86 -12.67 4.55
N ALA B 44 -0.52 -13.86 4.07
CA ALA B 44 -0.47 -14.13 2.62
C ALA B 44 -1.90 -14.19 2.07
N PRO B 45 -2.09 -13.82 0.79
CA PRO B 45 -3.43 -13.96 0.19
C PRO B 45 -3.84 -15.43 0.11
N LYS B 46 -5.15 -15.66 0.06
CA LYS B 46 -5.70 -16.99 -0.16
C LYS B 46 -6.74 -16.94 -1.24
N LEU B 47 -6.90 -18.05 -1.96
CA LEU B 47 -7.94 -18.13 -3.01
C LEU B 47 -9.33 -18.15 -2.39
N LEU B 48 -10.18 -17.25 -2.89
CA LEU B 48 -11.51 -17.07 -2.41
C LEU B 48 -12.54 -17.57 -3.44
N ILE B 49 -12.36 -17.12 -4.70
CA ILE B 49 -13.27 -17.50 -5.80
C ILE B 49 -12.43 -17.80 -7.00
N TYR B 50 -12.80 -18.87 -7.77
CA TYR B 50 -12.11 -19.11 -9.03
C TYR B 50 -13.12 -19.31 -10.16
N SER B 51 -12.67 -19.14 -11.42
CA SER B 51 -13.54 -19.32 -12.61
C SER B 51 -14.83 -18.52 -12.46
N ASN B 52 -14.72 -17.24 -12.03
CA ASN B 52 -15.82 -16.31 -11.78
C ASN B 52 -16.69 -16.57 -10.57
N ASN B 53 -17.14 -17.84 -10.33
CA ASN B 53 -18.16 -18.05 -9.31
C ASN B 53 -18.00 -19.36 -8.54
N GLN B 54 -16.84 -20.06 -8.67
CA GLN B 54 -16.63 -21.29 -7.92
C GLN B 54 -15.89 -21.06 -6.60
N ARG B 55 -16.25 -21.82 -5.54
CA ARG B 55 -15.58 -21.69 -4.24
C ARG B 55 -14.71 -22.88 -3.93
N PRO B 56 -13.43 -22.67 -3.55
CA PRO B 56 -12.63 -23.81 -3.07
C PRO B 56 -13.16 -24.28 -1.71
N SER B 57 -12.74 -25.49 -1.28
CA SER B 57 -13.16 -26.05 0.02
C SER B 57 -12.66 -25.15 1.16
N GLY B 58 -13.54 -24.83 2.09
CA GLY B 58 -13.22 -23.96 3.22
C GLY B 58 -13.82 -22.59 3.08
N VAL B 59 -14.18 -22.20 1.84
CA VAL B 59 -14.79 -20.90 1.61
C VAL B 59 -16.31 -21.04 1.82
N PRO B 60 -16.91 -20.29 2.77
CA PRO B 60 -18.36 -20.40 3.00
C PRO B 60 -19.23 -19.85 1.87
N ASP B 61 -20.47 -20.36 1.77
CA ASP B 61 -21.41 -20.01 0.70
C ASP B 61 -21.92 -18.56 0.76
N ARG B 62 -21.55 -17.79 1.82
CA ARG B 62 -21.92 -16.38 1.88
C ARG B 62 -21.10 -15.52 0.88
N PHE B 63 -20.00 -16.08 0.38
CA PHE B 63 -19.15 -15.46 -0.65
C PHE B 63 -19.60 -15.98 -2.02
N SER B 64 -19.90 -15.08 -2.93
CA SER B 64 -20.30 -15.52 -4.28
C SER B 64 -19.71 -14.55 -5.28
N GLY B 65 -19.46 -15.05 -6.47
CA GLY B 65 -18.90 -14.22 -7.52
C GLY B 65 -19.73 -14.25 -8.80
N SER B 66 -19.60 -13.19 -9.57
CA SER B 66 -20.26 -13.07 -10.87
C SER B 66 -19.39 -12.29 -11.84
N LYS B 67 -19.64 -12.45 -13.15
CA LYS B 67 -18.91 -11.75 -14.18
C LYS B 67 -19.88 -11.45 -15.33
N SER B 68 -19.81 -10.24 -15.86
CA SER B 68 -20.66 -9.79 -16.99
C SER B 68 -19.84 -8.76 -17.79
N GLY B 69 -19.67 -9.01 -19.09
CA GLY B 69 -18.95 -8.08 -19.96
C GLY B 69 -17.50 -7.95 -19.58
N THR B 70 -17.09 -6.74 -19.16
CA THR B 70 -15.69 -6.48 -18.73
C THR B 70 -15.65 -6.20 -17.23
N SER B 71 -16.69 -6.59 -16.50
CA SER B 71 -16.80 -6.38 -15.04
C SER B 71 -17.07 -7.66 -14.26
N ALA B 72 -16.62 -7.69 -12.98
CA ALA B 72 -16.87 -8.83 -12.11
C ALA B 72 -17.31 -8.29 -10.76
N SER B 73 -17.98 -9.14 -9.97
CA SER B 73 -18.48 -8.67 -8.68
C SER B 73 -18.40 -9.77 -7.66
N LEU B 74 -18.04 -9.40 -6.41
CA LEU B 74 -17.95 -10.31 -5.28
C LEU B 74 -19.02 -9.90 -4.31
N ALA B 75 -19.92 -10.82 -3.93
CA ALA B 75 -20.94 -10.43 -2.95
C ALA B 75 -20.67 -11.22 -1.69
N ILE B 76 -20.81 -10.56 -0.54
CA ILE B 76 -20.65 -11.17 0.77
C ILE B 76 -21.96 -10.92 1.47
N SER B 77 -22.71 -11.99 1.73
CA SER B 77 -24.00 -11.93 2.42
CA SER B 77 -24.00 -11.95 2.41
C SER B 77 -23.76 -12.24 3.88
N GLY B 78 -24.64 -11.76 4.75
CA GLY B 78 -24.53 -12.00 6.18
C GLY B 78 -23.14 -11.72 6.69
N LEU B 79 -22.69 -10.46 6.50
CA LEU B 79 -21.38 -9.98 6.91
C LEU B 79 -21.03 -10.42 8.32
N GLN B 80 -19.87 -11.03 8.48
CA GLN B 80 -19.34 -11.46 9.76
C GLN B 80 -18.05 -10.70 10.03
N SER B 81 -17.75 -10.41 11.31
CA SER B 81 -16.54 -9.70 11.72
C SER B 81 -15.22 -10.26 11.12
N GLU B 82 -15.11 -11.60 10.95
CA GLU B 82 -13.91 -12.26 10.43
C GLU B 82 -13.70 -12.03 8.90
N ASP B 83 -14.70 -11.44 8.23
CA ASP B 83 -14.63 -11.15 6.79
C ASP B 83 -13.85 -9.83 6.56
N GLU B 84 -13.58 -9.07 7.65
CA GLU B 84 -12.80 -7.84 7.49
C GLU B 84 -11.42 -8.21 6.94
N ALA B 85 -11.10 -7.74 5.72
CA ALA B 85 -9.87 -8.12 5.01
C ALA B 85 -9.74 -7.25 3.75
N ASP B 86 -8.65 -7.45 3.00
CA ASP B 86 -8.47 -6.81 1.68
C ASP B 86 -8.87 -7.90 0.65
N TYR B 87 -9.64 -7.52 -0.38
CA TYR B 87 -10.08 -8.46 -1.44
C TYR B 87 -9.54 -7.99 -2.76
N TYR B 88 -8.96 -8.90 -3.56
CA TYR B 88 -8.39 -8.53 -4.84
C TYR B 88 -9.01 -9.40 -5.93
N CYS B 89 -9.36 -8.80 -7.05
CA CYS B 89 -9.75 -9.58 -8.22
C CYS B 89 -8.53 -9.72 -9.11
N ALA B 90 -8.49 -10.73 -10.02
CA ALA B 90 -7.36 -10.95 -10.90
C ALA B 90 -7.85 -11.65 -12.15
N ALA B 91 -7.23 -11.32 -13.28
CA ALA B 91 -7.60 -11.98 -14.55
C ALA B 91 -6.35 -11.99 -15.42
N TRP B 92 -6.23 -12.99 -16.30
CA TRP B 92 -5.16 -13.02 -17.29
C TRP B 92 -5.50 -11.99 -18.36
N ASP B 93 -4.48 -11.28 -18.85
CA ASP B 93 -4.69 -10.28 -19.92
C ASP B 93 -4.04 -10.82 -21.20
N ASP B 94 -4.86 -11.11 -22.23
CA ASP B 94 -4.44 -11.66 -23.51
C ASP B 94 -3.53 -10.73 -24.30
N SER B 95 -3.64 -9.42 -24.08
CA SER B 95 -2.80 -8.43 -24.77
C SER B 95 -1.39 -8.33 -24.16
N LEU B 96 -1.30 -8.36 -22.82
CA LEU B 96 -0.03 -8.20 -22.10
C LEU B 96 0.68 -9.52 -21.89
N ASN B 97 -0.04 -10.66 -22.04
CA ASN B 97 0.44 -12.00 -21.69
C ASN B 97 0.94 -11.89 -20.23
N ALA B 98 0.06 -11.39 -19.37
CA ALA B 98 0.36 -11.14 -17.96
C ALA B 98 -0.91 -11.20 -17.13
N TRP B 99 -0.77 -11.49 -15.83
CA TRP B 99 -1.90 -11.39 -14.92
C TRP B 99 -2.01 -9.93 -14.54
N VAL B 100 -3.25 -9.47 -14.39
CA VAL B 100 -3.54 -8.11 -13.92
C VAL B 100 -4.36 -8.28 -12.63
N PHE B 101 -3.98 -7.57 -11.55
CA PHE B 101 -4.74 -7.60 -10.31
C PHE B 101 -5.48 -6.28 -10.19
N GLY B 102 -6.56 -6.28 -9.45
CA GLY B 102 -7.30 -5.09 -9.05
C GLY B 102 -6.44 -4.37 -8.01
N GLY B 103 -6.80 -3.13 -7.70
CA GLY B 103 -6.07 -2.35 -6.69
C GLY B 103 -6.39 -2.76 -5.26
N GLY B 104 -7.41 -3.62 -5.09
CA GLY B 104 -7.85 -4.10 -3.78
C GLY B 104 -8.91 -3.25 -3.15
N THR B 105 -9.77 -3.89 -2.34
CA THR B 105 -10.84 -3.24 -1.60
C THR B 105 -10.70 -3.69 -0.16
N LYS B 106 -10.66 -2.75 0.80
CA LYS B 106 -10.68 -3.16 2.19
C LYS B 106 -12.14 -3.23 2.59
N LEU B 107 -12.58 -4.39 3.09
CA LEU B 107 -13.95 -4.54 3.54
C LEU B 107 -13.93 -4.29 5.05
N THR B 108 -14.68 -3.28 5.52
CA THR B 108 -14.78 -3.04 6.96
C THR B 108 -16.17 -3.52 7.44
N VAL B 109 -16.18 -4.24 8.54
CA VAL B 109 -17.45 -4.63 9.16
C VAL B 109 -17.65 -3.59 10.26
N LEU B 110 -18.59 -2.64 10.03
CA LEU B 110 -18.84 -1.49 10.91
C LEU B 110 -19.13 -1.86 12.37
N GLY B 115 -18.23 -1.42 13.24
CA GLY B 115 -18.29 -1.64 14.69
C GLY B 115 -18.45 -0.34 15.47
N GLN B 116 -18.72 0.76 14.73
CA GLN B 116 -18.94 2.15 15.18
C GLN B 116 -19.57 2.93 14.00
N PRO B 117 -20.21 4.11 14.20
CA PRO B 117 -20.79 4.80 13.04
C PRO B 117 -19.65 5.36 12.18
N LYS B 118 -19.93 5.69 10.91
CA LYS B 118 -18.92 6.25 10.01
C LYS B 118 -18.55 7.63 10.50
N SER B 119 -17.30 8.04 10.24
CA SER B 119 -16.82 9.36 10.66
C SER B 119 -16.00 9.89 9.50
N SER B 120 -16.32 11.11 9.02
CA SER B 120 -15.66 11.73 7.89
C SER B 120 -14.26 12.24 8.30
N PRO B 121 -13.29 12.35 7.39
CA PRO B 121 -11.96 12.85 7.85
C PRO B 121 -11.90 14.35 8.11
N SER B 122 -11.04 14.72 9.08
CA SER B 122 -10.69 16.12 9.38
C SER B 122 -9.36 16.35 8.66
N VAL B 123 -9.31 17.29 7.71
CA VAL B 123 -8.15 17.49 6.84
C VAL B 123 -7.53 18.84 7.12
N THR B 124 -6.18 18.87 7.19
CA THR B 124 -5.47 20.13 7.38
C THR B 124 -4.36 20.15 6.36
N LEU B 125 -4.20 21.28 5.67
CA LEU B 125 -3.13 21.42 4.67
C LEU B 125 -2.10 22.44 5.15
N PHE B 126 -0.80 22.05 5.17
CA PHE B 126 0.29 22.93 5.57
C PHE B 126 1.20 23.26 4.40
N PRO B 127 1.63 24.54 4.29
CA PRO B 127 2.54 24.92 3.22
C PRO B 127 4.00 24.58 3.64
N PRO B 128 4.94 24.58 2.68
CA PRO B 128 6.36 24.38 3.05
C PRO B 128 6.81 25.56 3.92
N SER B 129 7.76 25.27 4.82
CA SER B 129 8.37 26.29 5.66
C SER B 129 9.49 27.04 4.90
N SER B 130 9.77 28.31 5.29
CA SER B 130 10.92 29.05 4.70
C SER B 130 12.23 28.29 4.97
N GLU B 131 12.35 27.67 6.15
CA GLU B 131 13.52 26.84 6.50
C GLU B 131 13.76 25.71 5.48
N GLU B 132 12.71 24.95 5.14
CA GLU B 132 12.87 23.91 4.14
C GLU B 132 13.18 24.53 2.75
N LEU B 133 12.44 25.59 2.38
CA LEU B 133 12.65 26.23 1.07
C LEU B 133 14.12 26.66 0.84
N GLU B 134 14.82 27.02 1.95
CA GLU B 134 16.24 27.39 1.86
C GLU B 134 17.09 26.22 1.28
N THR B 135 16.66 24.94 1.52
CA THR B 135 17.34 23.74 1.01
C THR B 135 16.99 23.43 -0.48
N ASN B 136 16.17 24.28 -1.12
CA ASN B 136 15.71 24.16 -2.51
C ASN B 136 14.65 23.05 -2.68
N LYS B 137 14.02 22.64 -1.58
CA LYS B 137 12.95 21.65 -1.62
C LYS B 137 11.70 22.27 -0.99
N ALA B 138 10.53 21.73 -1.34
CA ALA B 138 9.28 22.22 -0.80
C ALA B 138 8.39 21.00 -0.54
N THR B 139 7.90 20.84 0.70
CA THR B 139 6.99 19.73 1.01
C THR B 139 5.70 20.32 1.52
N LEU B 140 4.57 19.91 0.94
CA LEU B 140 3.25 20.29 1.49
C LEU B 140 2.79 19.05 2.24
N VAL B 141 2.13 19.26 3.37
CA VAL B 141 1.67 18.20 4.26
C VAL B 141 0.15 18.28 4.39
N CYS B 142 -0.52 17.16 4.10
CA CYS B 142 -1.97 17.08 4.23
C CYS B 142 -2.26 16.08 5.33
N THR B 143 -2.63 16.53 6.53
CA THR B 143 -2.92 15.60 7.62
C THR B 143 -4.40 15.22 7.58
N ILE B 144 -4.71 13.98 7.99
CA ILE B 144 -6.06 13.44 7.87
C ILE B 144 -6.39 12.66 9.15
N THR B 145 -7.38 13.11 9.93
CA THR B 145 -7.65 12.44 11.17
C THR B 145 -9.11 12.09 11.32
N ASP B 146 -9.41 11.26 12.33
CA ASP B 146 -10.77 10.96 12.78
C ASP B 146 -11.69 10.38 11.75
N PHE B 147 -11.18 9.45 10.96
CA PHE B 147 -12.01 8.83 9.92
C PHE B 147 -12.26 7.37 10.20
N TYR B 148 -13.44 6.90 9.80
CA TYR B 148 -13.81 5.51 9.95
C TYR B 148 -14.89 5.20 8.91
N PRO B 149 -14.79 4.13 8.07
CA PRO B 149 -13.74 3.10 8.00
C PRO B 149 -12.33 3.67 7.72
N GLY B 150 -11.32 2.87 7.96
CA GLY B 150 -9.93 3.30 7.81
C GLY B 150 -9.32 3.22 6.42
N VAL B 151 -9.95 3.86 5.44
CA VAL B 151 -9.49 3.90 4.07
C VAL B 151 -9.77 5.28 3.49
N VAL B 152 -8.75 5.89 2.93
CA VAL B 152 -8.88 7.15 2.19
C VAL B 152 -8.08 7.05 0.91
N THR B 153 -8.47 7.86 -0.06
CA THR B 153 -7.79 8.07 -1.34
C THR B 153 -7.43 9.55 -1.36
N VAL B 154 -6.17 9.86 -1.69
CA VAL B 154 -5.74 11.26 -1.73
C VAL B 154 -5.33 11.68 -3.14
N ASP B 155 -5.80 12.85 -3.55
CA ASP B 155 -5.49 13.45 -4.87
C ASP B 155 -5.00 14.88 -4.66
N TRP B 156 -3.95 15.28 -5.38
CA TRP B 156 -3.42 16.62 -5.24
C TRP B 156 -3.56 17.36 -6.54
N LYS B 157 -3.71 18.68 -6.43
CA LYS B 157 -3.79 19.58 -7.59
C LYS B 157 -2.91 20.80 -7.43
N VAL B 158 -2.29 21.23 -8.54
CA VAL B 158 -1.45 22.44 -8.55
C VAL B 158 -2.00 23.32 -9.69
N ASP B 159 -2.51 24.53 -9.35
CA ASP B 159 -3.15 25.46 -10.29
C ASP B 159 -4.29 24.74 -11.05
N GLY B 160 -5.05 23.95 -10.28
CA GLY B 160 -6.18 23.17 -10.79
C GLY B 160 -5.84 21.94 -11.60
N THR B 161 -4.54 21.65 -11.85
CA THR B 161 -4.16 20.48 -12.65
C THR B 161 -3.74 19.29 -11.75
N PRO B 162 -4.33 18.08 -11.96
CA PRO B 162 -3.98 16.91 -11.14
C PRO B 162 -2.49 16.56 -11.19
N VAL B 163 -1.92 16.31 -10.02
CA VAL B 163 -0.51 15.93 -9.87
C VAL B 163 -0.38 14.43 -10.13
N THR B 164 0.67 14.04 -10.88
CA THR B 164 0.92 12.63 -11.18
C THR B 164 2.20 12.11 -10.51
N GLN B 165 3.10 13.01 -10.04
CA GLN B 165 4.38 12.62 -9.41
C GLN B 165 4.68 13.39 -8.12
N GLY B 166 5.57 12.83 -7.31
CA GLY B 166 6.03 13.50 -6.10
C GLY B 166 5.06 13.43 -4.92
N MET B 167 4.16 12.44 -4.93
CA MET B 167 3.20 12.24 -3.83
C MET B 167 3.45 10.96 -3.06
N GLU B 168 3.27 11.01 -1.73
CA GLU B 168 3.40 9.81 -0.88
C GLU B 168 2.30 9.91 0.15
N THR B 169 1.60 8.82 0.44
CA THR B 169 0.54 8.80 1.46
C THR B 169 0.77 7.64 2.40
N THR B 170 0.69 7.88 3.70
CA THR B 170 0.89 6.82 4.70
C THR B 170 -0.25 5.84 4.65
N GLN B 171 0.02 4.63 5.16
CA GLN B 171 -1.00 3.64 5.38
C GLN B 171 -1.82 4.23 6.58
N PRO B 172 -3.16 4.08 6.65
CA PRO B 172 -3.88 4.61 7.83
C PRO B 172 -3.56 3.80 9.07
N SER B 173 -3.45 4.48 10.20
CA SER B 173 -3.17 3.83 11.47
C SER B 173 -4.20 4.26 12.51
N LYS B 174 -4.43 3.40 13.53
CA LYS B 174 -5.40 3.70 14.58
C LYS B 174 -4.98 4.87 15.43
N GLN B 175 -5.98 5.67 15.81
CA GLN B 175 -5.81 6.80 16.72
C GLN B 175 -6.14 6.36 18.13
N SER B 176 -5.80 7.23 19.13
CA SER B 176 -6.09 7.05 20.56
C SER B 176 -7.56 6.64 20.75
N ASN B 177 -8.50 7.32 20.04
CA ASN B 177 -9.95 7.10 20.10
C ASN B 177 -10.48 5.94 19.26
N ASN B 178 -9.63 5.17 18.59
CA ASN B 178 -10.01 4.00 17.78
C ASN B 178 -10.54 4.33 16.35
N LYS B 179 -10.53 5.61 15.93
CA LYS B 179 -10.78 5.98 14.53
C LYS B 179 -9.38 5.88 13.84
N TYR B 180 -9.25 6.35 12.61
CA TYR B 180 -7.98 6.28 11.86
C TYR B 180 -7.42 7.64 11.50
N MET B 181 -6.08 7.64 11.26
CA MET B 181 -5.38 8.83 10.80
C MET B 181 -4.40 8.47 9.69
N ALA B 182 -4.10 9.44 8.85
CA ALA B 182 -3.11 9.26 7.80
C ALA B 182 -2.55 10.64 7.41
N SER B 183 -1.45 10.64 6.69
CA SER B 183 -0.93 11.89 6.15
C SER B 183 -0.48 11.68 4.71
N SER B 184 -0.55 12.74 3.92
CA SER B 184 -0.08 12.73 2.57
C SER B 184 0.88 13.89 2.33
N TYR B 185 1.85 13.67 1.44
CA TYR B 185 2.91 14.61 1.18
C TYR B 185 3.04 14.88 -0.29
N LEU B 186 3.22 16.14 -0.65
CA LEU B 186 3.50 16.54 -2.00
C LEU B 186 4.90 17.20 -1.96
N THR B 187 5.85 16.59 -2.67
CA THR B 187 7.24 17.03 -2.74
C THR B 187 7.47 17.74 -4.07
N LEU B 188 8.02 18.95 -4.00
CA LEU B 188 8.34 19.79 -5.16
C LEU B 188 9.72 20.41 -4.96
N THR B 189 10.30 20.96 -6.04
CA THR B 189 11.52 21.74 -5.86
C THR B 189 11.04 23.12 -5.40
N ALA B 190 11.94 23.93 -4.82
CA ALA B 190 11.58 25.28 -4.41
C ALA B 190 11.21 26.11 -5.64
N ARG B 191 11.90 25.91 -6.79
CA ARG B 191 11.56 26.65 -8.02
C ARG B 191 10.14 26.29 -8.49
N ALA B 192 9.75 25.00 -8.40
CA ALA B 192 8.40 24.57 -8.82
C ALA B 192 7.34 25.19 -7.91
N TRP B 193 7.62 25.26 -6.59
CA TRP B 193 6.74 25.90 -5.62
C TRP B 193 6.50 27.37 -5.99
N GLU B 194 7.58 28.08 -6.38
CA GLU B 194 7.53 29.49 -6.73
C GLU B 194 6.84 29.74 -8.08
N ARG B 195 6.83 28.75 -8.98
CA ARG B 195 6.20 28.87 -10.30
C ARG B 195 4.66 28.78 -10.22
N HIS B 196 4.12 28.19 -9.13
CA HIS B 196 2.66 28.00 -9.06
C HIS B 196 2.01 28.74 -7.89
N SER B 197 0.67 28.86 -7.91
CA SER B 197 -0.05 29.68 -6.96
C SER B 197 -0.99 28.91 -6.07
N SER B 198 -1.87 28.08 -6.65
CA SER B 198 -2.91 27.34 -5.91
C SER B 198 -2.51 25.91 -5.69
N TYR B 199 -2.72 25.40 -4.46
CA TYR B 199 -2.38 24.01 -4.13
C TYR B 199 -3.55 23.42 -3.37
N SER B 200 -3.88 22.17 -3.68
CA SER B 200 -4.97 21.52 -2.96
C SER B 200 -4.72 20.06 -2.72
N CYS B 201 -5.25 19.58 -1.60
CA CYS B 201 -5.23 18.17 -1.19
C CYS B 201 -6.72 17.79 -1.15
N GLN B 202 -7.08 16.72 -1.85
CA GLN B 202 -8.46 16.20 -1.87
C GLN B 202 -8.48 14.82 -1.28
N VAL B 203 -9.31 14.60 -0.25
CA VAL B 203 -9.39 13.33 0.45
C VAL B 203 -10.78 12.74 0.20
N THR B 204 -10.78 11.54 -0.39
CA THR B 204 -12.04 10.80 -0.62
C THR B 204 -12.20 9.69 0.41
N HIS B 205 -13.37 9.68 1.09
CA HIS B 205 -13.65 8.72 2.16
C HIS B 205 -15.08 8.25 1.95
N GLU B 206 -15.26 6.97 1.58
CA GLU B 206 -16.62 6.44 1.30
C GLU B 206 -17.21 7.34 0.16
N GLY B 207 -18.40 7.88 0.35
CA GLY B 207 -18.97 8.77 -0.67
C GLY B 207 -18.78 10.25 -0.38
N HIS B 208 -17.79 10.58 0.48
CA HIS B 208 -17.54 11.93 0.97
C HIS B 208 -16.15 12.43 0.53
N THR B 209 -16.08 13.51 -0.25
CA THR B 209 -14.79 14.08 -0.65
C THR B 209 -14.58 15.43 0.02
N VAL B 210 -13.41 15.66 0.65
CA VAL B 210 -13.13 16.97 1.26
C VAL B 210 -11.84 17.51 0.60
N GLU B 211 -11.88 18.76 0.15
CA GLU B 211 -10.74 19.41 -0.49
C GLU B 211 -10.34 20.63 0.33
N LYS B 212 -9.04 20.72 0.71
CA LYS B 212 -8.49 21.86 1.40
C LYS B 212 -7.48 22.51 0.45
N SER B 213 -7.50 23.83 0.38
CA SER B 213 -6.64 24.55 -0.53
C SER B 213 -5.83 25.66 0.18
N LEU B 214 -4.76 26.09 -0.49
CA LEU B 214 -4.00 27.26 -0.06
C LEU B 214 -3.42 27.95 -1.29
N SER B 215 -3.00 29.19 -1.10
CA SER B 215 -2.34 29.99 -2.13
C SER B 215 -0.94 30.33 -1.62
N ARG B 216 0.09 30.23 -2.50
CA ARG B 216 1.48 30.54 -2.10
C ARG B 216 1.61 32.02 -1.75
#